data_8SUA
#
_entry.id   8SUA
#
_cell.length_a   85.437
_cell.length_b   85.437
_cell.length_c   62.436
_cell.angle_alpha   90.00
_cell.angle_beta   90.00
_cell.angle_gamma   120.00
#
_symmetry.space_group_name_H-M   'P 32 2 1'
#
loop_
_entity.id
_entity.type
_entity.pdbx_description
1 polymer DarR
2 non-polymer 3-azanyl-3-(hydroxymethyl)-1,5,7,11-tetraoxa-6$l^{4}-boraspiro[5.5]undecan-9-ol
3 water water
#
_entity_poly.entity_id   1
_entity_poly.type   'polypeptide(L)'
_entity_poly.pdbx_seq_one_letter_code
;(MSE)SASAELEPDVKGRILDAAADAF(MSE)ARGFANTTIDDIADEVGATKGLIYYHFRSKFDIFLAVYEDG(MSE)RR
VRERVEPHSTAPGTGHQRLEA(MSE)SIAHLENL(MSE)TELGYHHVVHQGVRHQDSTALKVRQRDALTALNELRRDYER
(MSE)FRRVIAEGIADGSLRRVDEALATRTLLSNLNAVDVWYRKIEGQTGEEIRELASQVVD(MSE)LIGGLAD
;
_entity_poly.pdbx_strand_id   A
#
# COMPACT_ATOMS: atom_id res chain seq x y z
N ASP A 10 -4.19 21.23 -0.13
CA ASP A 10 -3.64 19.97 0.32
C ASP A 10 -3.77 19.81 1.83
N VAL A 11 -4.60 20.62 2.47
CA VAL A 11 -4.87 20.44 3.90
C VAL A 11 -5.39 19.03 4.14
N LYS A 12 -6.33 18.58 3.30
CA LYS A 12 -6.87 17.25 3.47
C LYS A 12 -5.76 16.20 3.33
N GLY A 13 -4.87 16.41 2.35
CA GLY A 13 -3.78 15.47 2.16
C GLY A 13 -2.83 15.40 3.34
N ARG A 14 -2.55 16.56 3.97
CA ARG A 14 -1.69 16.59 5.14
C ARG A 14 -2.32 15.86 6.30
N ILE A 15 -3.64 16.03 6.48
CA ILE A 15 -4.34 15.30 7.53
C ILE A 15 -4.22 13.79 7.30
N LEU A 16 -4.45 13.34 6.07
CA LEU A 16 -4.32 11.91 5.75
C LEU A 16 -2.89 11.40 5.98
N ASP A 17 -1.90 12.21 5.63
CA ASP A 17 -0.49 11.83 5.87
C ASP A 17 -0.25 11.61 7.35
N ALA A 18 -0.71 12.55 8.18
CA ALA A 18 -0.53 12.44 9.61
C ALA A 18 -1.33 11.29 10.19
N ALA A 19 -2.58 11.13 9.74
CA ALA A 19 -3.40 10.04 10.23
C ALA A 19 -2.74 8.71 9.92
N ALA A 20 -2.16 8.58 8.72
CA ALA A 20 -1.53 7.31 8.38
C ALA A 20 -0.44 6.98 9.37
N ASP A 21 0.35 7.98 9.74
CA ASP A 21 1.43 7.73 10.68
C ASP A 21 0.91 7.47 12.09
N ALA A 22 -0.21 8.11 12.46
CA ALA A 22 -0.76 7.90 13.80
C ALA A 22 -1.36 6.51 13.93
N PHE A 23 -2.13 6.09 12.93
CA PHE A 23 -2.69 4.74 12.93
C PHE A 23 -1.58 3.71 12.91
N ALA A 25 1.30 3.99 14.26
CA ALA A 25 1.95 3.98 15.56
C ALA A 25 1.11 3.27 16.61
N ARG A 26 -0.20 3.52 16.65
CA ARG A 26 -1.00 3.02 17.75
C ARG A 26 -2.11 2.06 17.35
N GLY A 27 -2.39 1.89 16.06
CA GLY A 27 -3.52 1.09 15.62
C GLY A 27 -4.80 1.89 15.61
N PHE A 28 -5.83 1.32 14.97
CA PHE A 28 -7.07 2.07 14.86
C PHE A 28 -7.70 2.29 16.21
N ALA A 29 -7.80 1.23 17.02
CA ALA A 29 -8.55 1.28 18.26
C ALA A 29 -8.04 2.40 19.18
N ASN A 30 -6.73 2.44 19.42
CA ASN A 30 -6.17 3.37 20.38
C ASN A 30 -5.78 4.71 19.79
N THR A 31 -5.71 4.81 18.47
CA THR A 31 -5.53 6.12 17.87
C THR A 31 -6.77 6.98 18.09
N THR A 32 -6.56 8.25 18.39
CA THR A 32 -7.61 9.22 18.62
C THR A 32 -7.45 10.41 17.69
N ILE A 33 -8.52 11.18 17.56
CA ILE A 33 -8.45 12.40 16.77
C ILE A 33 -7.40 13.33 17.33
N ASP A 34 -7.28 13.40 18.66
CA ASP A 34 -6.23 14.23 19.25
C ASP A 34 -4.85 13.80 18.77
N ASP A 35 -4.60 12.49 18.70
CA ASP A 35 -3.34 12.01 18.16
C ASP A 35 -3.10 12.55 16.76
N ILE A 36 -4.14 12.55 15.92
CA ILE A 36 -4.00 12.99 14.53
C ILE A 36 -3.79 14.51 14.48
N ALA A 37 -4.63 15.26 15.22
CA ALA A 37 -4.42 16.69 15.29
C ALA A 37 -3.03 17.02 15.78
N ASP A 38 -2.51 16.25 16.73
CA ASP A 38 -1.12 16.42 17.15
C ASP A 38 -0.17 16.14 15.99
N GLU A 39 -0.33 15.00 15.32
CA GLU A 39 0.60 14.63 14.25
C GLU A 39 0.58 15.65 13.12
N VAL A 40 -0.62 16.07 12.68
CA VAL A 40 -0.68 17.01 11.56
C VAL A 40 -0.38 18.44 11.97
N GLY A 41 -0.59 18.78 13.23
CA GLY A 41 -0.43 20.16 13.66
C GLY A 41 -1.50 21.12 13.17
N ALA A 42 -2.75 20.68 13.31
CA ALA A 42 -3.92 21.53 13.08
C ALA A 42 -4.95 21.20 14.13
N THR A 43 -6.05 21.96 14.15
CA THR A 43 -6.98 21.81 15.24
C THR A 43 -8.01 20.74 14.91
N LYS A 44 -8.64 20.24 15.96
CA LYS A 44 -9.73 19.30 15.77
C LYS A 44 -10.81 19.91 14.91
N GLY A 45 -11.05 21.22 15.03
CA GLY A 45 -12.07 21.88 14.23
C GLY A 45 -11.81 21.71 12.75
N LEU A 46 -10.56 21.93 12.33
CA LEU A 46 -10.24 21.79 10.92
C LEU A 46 -10.39 20.34 10.47
N ILE A 47 -9.98 19.40 11.32
CA ILE A 47 -10.08 17.99 10.96
C ILE A 47 -11.55 17.61 10.77
N TYR A 48 -12.40 18.07 11.68
CA TYR A 48 -13.82 17.75 11.55
C TYR A 48 -14.49 18.54 10.45
N TYR A 49 -13.92 19.64 9.99
CA TYR A 49 -14.46 20.24 8.78
C TYR A 49 -14.34 19.27 7.61
N HIS A 50 -13.18 18.64 7.50
CA HIS A 50 -12.92 17.76 6.36
C HIS A 50 -13.42 16.33 6.53
N PHE A 51 -13.58 15.85 7.76
CA PHE A 51 -13.89 14.44 8.00
C PHE A 51 -14.95 14.34 9.08
N ARG A 52 -15.76 13.30 8.99
CA ARG A 52 -16.89 13.10 9.89
C ARG A 52 -16.53 12.41 11.19
N SER A 53 -15.48 11.58 11.19
CA SER A 53 -15.18 10.72 12.32
C SER A 53 -13.81 10.13 12.12
N LYS A 54 -13.29 9.52 13.19
CA LYS A 54 -12.03 8.77 13.09
C LYS A 54 -12.10 7.67 12.04
N PHE A 55 -13.22 6.94 11.99
CA PHE A 55 -13.31 5.86 11.03
C PHE A 55 -13.35 6.41 9.62
N ASP A 56 -14.01 7.54 9.40
CA ASP A 56 -14.01 8.18 8.08
C ASP A 56 -12.58 8.52 7.65
N ILE A 57 -11.77 9.02 8.56
CA ILE A 57 -10.37 9.30 8.23
C ILE A 57 -9.66 8.01 7.85
N PHE A 58 -9.87 6.96 8.65
CA PHE A 58 -9.24 5.66 8.39
C PHE A 58 -9.57 5.15 6.97
N LEU A 59 -10.85 5.19 6.59
CA LEU A 59 -11.23 4.78 5.24
C LEU A 59 -10.56 5.65 4.19
N ALA A 60 -10.51 6.96 4.42
CA ALA A 60 -9.87 7.86 3.46
C ALA A 60 -8.39 7.58 3.32
N VAL A 61 -7.69 7.27 4.43
CA VAL A 61 -6.28 6.90 4.34
C VAL A 61 -6.11 5.64 3.48
N TYR A 62 -6.91 4.61 3.76
CA TYR A 62 -6.85 3.39 2.95
C TYR A 62 -7.03 3.70 1.48
N GLU A 63 -8.09 4.45 1.14
CA GLU A 63 -8.38 4.79 -0.25
C GLU A 63 -7.24 5.57 -0.88
N ASP A 64 -6.71 6.56 -0.16
CA ASP A 64 -5.66 7.37 -0.73
C ASP A 64 -4.38 6.55 -0.91
N GLY A 65 -4.11 5.63 0.02
CA GLY A 65 -2.92 4.80 -0.11
C GLY A 65 -3.00 3.98 -1.37
N ARG A 67 -4.86 4.67 -4.02
CA ARG A 67 -4.74 5.57 -5.16
C ARG A 67 -3.28 5.83 -5.49
N ARG A 68 -2.50 6.19 -4.47
CA ARG A 68 -1.12 6.59 -4.69
C ARG A 68 -0.30 5.45 -5.27
N VAL A 69 -0.47 4.24 -4.75
CA VAL A 69 0.35 3.14 -5.28
C VAL A 69 -0.05 2.78 -6.71
N ARG A 70 -1.35 2.79 -7.01
CA ARG A 70 -1.81 2.53 -8.37
C ARG A 70 -1.23 3.56 -9.35
N GLU A 71 -1.32 4.85 -8.98
CA GLU A 71 -0.81 5.90 -9.86
C GLU A 71 0.70 5.78 -10.06
N ARG A 72 1.43 5.26 -9.08
CA ARG A 72 2.86 5.11 -9.26
C ARG A 72 3.20 3.89 -10.11
N VAL A 73 2.45 2.82 -9.94
CA VAL A 73 2.83 1.53 -10.53
C VAL A 73 2.24 1.34 -11.92
N GLU A 74 1.01 1.78 -12.13
CA GLU A 74 0.34 1.52 -13.41
C GLU A 74 1.13 1.99 -14.61
N PRO A 75 1.82 3.13 -14.60
CA PRO A 75 2.58 3.52 -15.81
C PRO A 75 3.64 2.52 -16.22
N HIS A 76 4.23 1.82 -15.26
CA HIS A 76 5.20 0.80 -15.58
C HIS A 76 4.57 -0.43 -16.22
N SER A 77 3.29 -0.66 -16.01
CA SER A 77 2.63 -1.81 -16.59
C SER A 77 2.37 -1.63 -18.07
N THR A 78 2.39 -0.39 -18.57
CA THR A 78 2.11 -0.11 -19.98
C THR A 78 3.30 0.44 -20.73
N ALA A 79 4.43 0.64 -20.08
CA ALA A 79 5.61 1.08 -20.79
C ALA A 79 6.17 -0.05 -21.65
N PRO A 80 6.93 0.28 -22.68
CA PRO A 80 7.51 -0.78 -23.50
C PRO A 80 8.45 -1.64 -22.66
N GLY A 81 8.33 -2.95 -22.83
CA GLY A 81 9.14 -3.92 -22.14
C GLY A 81 8.48 -5.27 -22.22
N THR A 82 9.28 -6.28 -21.95
CA THR A 82 8.79 -7.64 -21.78
C THR A 82 8.00 -7.73 -20.48
N GLY A 83 7.30 -8.85 -20.31
CA GLY A 83 6.63 -9.05 -19.03
C GLY A 83 7.60 -8.96 -17.86
N HIS A 84 8.77 -9.59 -17.99
CA HIS A 84 9.80 -9.53 -16.94
C HIS A 84 10.21 -8.09 -16.67
N GLN A 85 10.52 -7.32 -17.72
CA GLN A 85 10.94 -5.93 -17.54
C GLN A 85 9.86 -5.11 -16.86
N ARG A 86 8.62 -5.25 -17.31
CA ARG A 86 7.56 -4.46 -16.71
C ARG A 86 7.31 -4.91 -15.27
N LEU A 87 7.35 -6.21 -15.02
CA LEU A 87 7.12 -6.69 -13.67
C LEU A 87 8.18 -6.18 -12.72
N GLU A 88 9.44 -6.15 -13.16
CA GLU A 88 10.54 -5.61 -12.35
C GLU A 88 10.31 -4.15 -12.02
N ALA A 89 9.96 -3.34 -13.03
CA ALA A 89 9.76 -1.93 -12.78
C ALA A 89 8.57 -1.72 -11.84
N SER A 91 7.38 -3.77 -9.60
CA SER A 91 7.75 -4.24 -8.27
C SER A 91 8.64 -3.24 -7.53
N ILE A 92 9.63 -2.66 -8.23
CA ILE A 92 10.45 -1.63 -7.61
C ILE A 92 9.56 -0.46 -7.20
N ALA A 93 8.64 -0.03 -8.08
CA ALA A 93 7.76 1.07 -7.73
C ALA A 93 6.88 0.73 -6.53
N HIS A 94 6.37 -0.51 -6.46
CA HIS A 94 5.58 -0.95 -5.33
C HIS A 94 6.36 -0.82 -4.04
N LEU A 95 7.62 -1.25 -4.04
CA LEU A 95 8.41 -1.20 -2.82
C LEU A 95 8.81 0.23 -2.49
N GLU A 96 9.16 1.05 -3.48
CA GLU A 96 9.44 2.45 -3.17
C GLU A 96 8.22 3.11 -2.51
N ASN A 97 7.03 2.79 -2.99
CA ASN A 97 5.82 3.31 -2.37
C ASN A 97 5.68 2.80 -0.94
N LEU A 98 5.87 1.49 -0.74
CA LEU A 98 5.75 0.94 0.60
C LEU A 98 6.72 1.62 1.55
N THR A 100 8.33 4.56 1.23
CA THR A 100 8.17 6.01 1.38
C THR A 100 6.80 6.41 1.91
N GLU A 101 5.79 5.57 1.73
CA GLU A 101 4.45 5.81 2.25
C GLU A 101 4.08 4.63 3.16
N LEU A 102 4.93 4.40 4.15
CA LEU A 102 4.77 3.22 4.99
C LEU A 102 3.51 3.30 5.85
N GLY A 103 3.14 4.50 6.31
CA GLY A 103 1.93 4.62 7.11
C GLY A 103 0.69 4.25 6.31
N TYR A 104 0.63 4.66 5.05
CA TYR A 104 -0.50 4.28 4.23
C TYR A 104 -0.54 2.76 4.05
N HIS A 105 0.62 2.14 3.85
CA HIS A 105 0.67 0.69 3.73
C HIS A 105 0.14 0.02 4.99
N HIS A 106 0.57 0.49 6.16
CA HIS A 106 0.11 -0.14 7.40
C HIS A 106 -1.39 0.00 7.57
N VAL A 107 -1.96 1.15 7.19
CA VAL A 107 -3.38 1.38 7.35
C VAL A 107 -4.19 0.48 6.40
N VAL A 108 -3.73 0.33 5.15
CA VAL A 108 -4.39 -0.61 4.25
C VAL A 108 -4.47 -1.99 4.90
N HIS A 109 -3.37 -2.45 5.49
CA HIS A 109 -3.37 -3.79 6.05
C HIS A 109 -4.08 -3.88 7.38
N GLN A 110 -4.12 -2.79 8.14
CA GLN A 110 -5.03 -2.76 9.29
C GLN A 110 -6.47 -2.88 8.84
N GLY A 111 -6.83 -2.17 7.76
CA GLY A 111 -8.18 -2.26 7.25
C GLY A 111 -8.54 -3.67 6.85
N VAL A 112 -7.65 -4.32 6.10
CA VAL A 112 -7.86 -5.70 5.68
C VAL A 112 -8.03 -6.60 6.90
N ARG A 113 -7.22 -6.37 7.94
CA ARG A 113 -7.28 -7.23 9.11
C ARG A 113 -8.55 -7.02 9.92
N HIS A 114 -9.05 -5.78 10.00
CA HIS A 114 -10.22 -5.48 10.80
C HIS A 114 -11.50 -5.50 9.99
N GLN A 115 -11.42 -5.99 8.75
CA GLN A 115 -12.56 -6.09 7.86
C GLN A 115 -13.68 -6.90 8.46
N ASP A 116 -13.36 -7.84 9.34
CA ASP A 116 -14.32 -8.69 10.01
C ASP A 116 -14.32 -8.48 11.52
N SER A 117 -13.87 -7.32 11.99
CA SER A 117 -13.75 -7.08 13.42
C SER A 117 -15.12 -6.96 14.07
N THR A 118 -15.39 -7.82 15.03
CA THR A 118 -16.63 -7.69 15.81
C THR A 118 -16.68 -6.39 16.57
N ALA A 119 -15.54 -5.71 16.74
CA ALA A 119 -15.52 -4.43 17.45
C ALA A 119 -16.15 -3.31 16.64
N LEU A 120 -16.41 -3.52 15.36
CA LEU A 120 -16.93 -2.48 14.48
C LEU A 120 -18.43 -2.63 14.31
N LYS A 121 -19.07 -1.52 13.95
CA LYS A 121 -20.45 -1.61 13.50
C LYS A 121 -20.50 -2.32 12.15
N VAL A 122 -21.70 -2.79 11.79
CA VAL A 122 -21.86 -3.54 10.55
C VAL A 122 -21.48 -2.68 9.36
N ARG A 123 -21.96 -1.43 9.33
CA ARG A 123 -21.66 -0.55 8.21
C ARG A 123 -20.15 -0.34 8.06
N GLN A 124 -19.41 -0.37 9.17
CA GLN A 124 -17.97 -0.14 9.10
C GLN A 124 -17.27 -1.33 8.48
N ARG A 125 -17.65 -2.55 8.87
CA ARG A 125 -17.09 -3.73 8.21
C ARG A 125 -17.43 -3.74 6.73
N ASP A 126 -18.67 -3.34 6.38
CA ASP A 126 -19.04 -3.31 4.97
C ASP A 126 -18.18 -2.33 4.19
N ALA A 127 -17.86 -1.19 4.79
CA ALA A 127 -17.05 -0.20 4.08
C ALA A 127 -15.64 -0.73 3.84
N LEU A 128 -15.08 -1.44 4.83
CA LEU A 128 -13.74 -2.00 4.66
C LEU A 128 -13.75 -3.14 3.64
N THR A 129 -14.81 -3.96 3.66
CA THR A 129 -14.92 -5.02 2.66
C THR A 129 -15.05 -4.44 1.27
N ALA A 130 -15.76 -3.32 1.14
CA ALA A 130 -15.89 -2.70 -0.17
C ALA A 130 -14.55 -2.25 -0.72
N LEU A 131 -13.64 -1.82 0.16
CA LEU A 131 -12.33 -1.39 -0.32
C LEU A 131 -11.49 -2.56 -0.82
N ASN A 132 -11.86 -3.79 -0.50
CA ASN A 132 -11.12 -4.94 -1.04
C ASN A 132 -11.08 -4.89 -2.56
N GLU A 133 -12.06 -4.26 -3.17
CA GLU A 133 -12.11 -4.21 -4.63
C GLU A 133 -10.92 -3.45 -5.20
N LEU A 134 -10.47 -2.39 -4.51
CA LEU A 134 -9.28 -1.69 -4.97
C LEU A 134 -8.08 -2.61 -4.96
N ARG A 135 -7.97 -3.46 -3.94
CA ARG A 135 -6.83 -4.36 -3.85
C ARG A 135 -6.92 -5.47 -4.89
N ARG A 136 -8.11 -5.98 -5.11
CA ARG A 136 -8.30 -7.00 -6.14
C ARG A 136 -7.94 -6.44 -7.50
N ASP A 137 -8.33 -5.20 -7.79
CA ASP A 137 -8.03 -4.64 -9.11
C ASP A 137 -6.55 -4.40 -9.29
N TYR A 138 -5.87 -4.02 -8.22
CA TYR A 138 -4.42 -3.90 -8.25
C TYR A 138 -3.75 -5.23 -8.53
N GLU A 139 -4.22 -6.29 -7.89
CA GLU A 139 -3.68 -7.63 -8.11
C GLU A 139 -3.91 -8.10 -9.54
N ARG A 140 -5.08 -7.79 -10.12
CA ARG A 140 -5.34 -8.19 -11.50
C ARG A 140 -4.28 -7.63 -12.45
N PHE A 142 -1.13 -6.99 -11.83
CA PHE A 142 0.08 -7.81 -11.75
C PHE A 142 -0.14 -9.18 -12.39
N ARG A 143 -1.31 -9.78 -12.21
CA ARG A 143 -1.54 -11.11 -12.78
C ARG A 143 -1.50 -11.06 -14.30
N ARG A 144 -2.02 -9.98 -14.88
CA ARG A 144 -1.95 -9.84 -16.34
C ARG A 144 -0.49 -9.80 -16.78
N VAL A 145 0.33 -9.02 -16.11
CA VAL A 145 1.73 -8.89 -16.53
C VAL A 145 2.47 -10.21 -16.34
N ILE A 146 2.20 -10.94 -15.26
CA ILE A 146 2.82 -12.26 -15.09
C ILE A 146 2.41 -13.19 -16.22
N ALA A 147 1.11 -13.19 -16.59
CA ALA A 147 0.66 -14.01 -17.69
C ALA A 147 1.39 -13.64 -18.98
N GLU A 148 1.58 -12.34 -19.20
CA GLU A 148 2.21 -11.86 -20.42
C GLU A 148 3.67 -12.25 -20.46
N GLY A 149 4.34 -12.21 -19.29
CA GLY A 149 5.73 -12.62 -19.24
C GLY A 149 5.89 -14.10 -19.43
N ILE A 150 4.95 -14.91 -18.98
CA ILE A 150 5.00 -16.32 -19.33
C ILE A 150 4.80 -16.49 -20.83
N ALA A 151 3.86 -15.77 -21.41
CA ALA A 151 3.58 -15.90 -22.83
C ALA A 151 4.72 -15.39 -23.70
N ASP A 152 5.50 -14.39 -23.27
CA ASP A 152 6.59 -13.90 -24.10
C ASP A 152 7.91 -14.58 -23.75
N GLY A 153 7.85 -15.56 -22.85
CA GLY A 153 8.99 -16.37 -22.48
C GLY A 153 9.99 -15.71 -21.57
N SER A 154 9.71 -14.50 -21.09
CA SER A 154 10.65 -13.84 -20.20
C SER A 154 10.51 -14.30 -18.77
N LEU A 155 9.39 -14.93 -18.40
CA LEU A 155 9.20 -15.55 -17.10
C LEU A 155 9.05 -17.06 -17.25
N ARG A 156 9.50 -17.79 -16.23
CA ARG A 156 9.32 -19.23 -16.16
C ARG A 156 7.84 -19.59 -16.13
N ARG A 157 7.52 -20.73 -16.75
CA ARG A 157 6.13 -21.17 -16.76
C ARG A 157 5.76 -21.61 -15.35
N VAL A 158 4.80 -20.92 -14.75
CA VAL A 158 4.33 -21.16 -13.40
C VAL A 158 2.83 -20.89 -13.37
N ASP A 159 2.19 -21.25 -12.27
CA ASP A 159 0.76 -20.99 -12.08
C ASP A 159 0.57 -19.48 -11.93
N GLU A 160 -0.15 -18.87 -12.85
CA GLU A 160 -0.24 -17.41 -12.84
C GLU A 160 -0.81 -16.87 -11.53
N ALA A 161 -1.93 -17.43 -11.06
CA ALA A 161 -2.56 -16.94 -9.84
C ALA A 161 -1.61 -17.09 -8.65
N LEU A 162 -1.01 -18.27 -8.51
CA LEU A 162 -0.10 -18.49 -7.38
C LEU A 162 1.10 -17.57 -7.43
N ALA A 163 1.67 -17.35 -8.63
CA ALA A 163 2.79 -16.44 -8.76
C ALA A 163 2.42 -15.00 -8.38
N THR A 164 1.19 -14.61 -8.71
CA THR A 164 0.75 -13.27 -8.43
C THR A 164 0.57 -13.08 -6.93
N ARG A 165 -0.15 -13.99 -6.29
CA ARG A 165 -0.37 -13.91 -4.85
C ARG A 165 0.96 -13.95 -4.11
N THR A 166 1.87 -14.83 -4.56
CA THR A 166 3.19 -14.94 -3.91
C THR A 166 3.96 -13.64 -4.05
N LEU A 167 4.02 -13.08 -5.26
CA LEU A 167 4.83 -11.90 -5.48
C LEU A 167 4.32 -10.73 -4.66
N LEU A 168 3.01 -10.52 -4.66
CA LEU A 168 2.48 -9.39 -3.92
C LEU A 168 2.61 -9.61 -2.43
N SER A 169 2.41 -10.84 -1.96
CA SER A 169 2.61 -11.12 -0.54
C SER A 169 4.04 -10.86 -0.13
N ASN A 170 4.96 -11.21 -1.01
CA ASN A 170 6.38 -11.03 -0.73
C ASN A 170 6.78 -9.57 -0.75
N LEU A 171 6.30 -8.81 -1.73
CA LEU A 171 6.60 -7.39 -1.77
C LEU A 171 6.10 -6.70 -0.52
N ASN A 172 4.85 -7.00 -0.14
CA ASN A 172 4.32 -6.39 1.08
C ASN A 172 5.05 -6.86 2.33
N ALA A 173 5.61 -8.07 2.33
CA ALA A 173 6.27 -8.65 3.51
C ALA A 173 7.56 -7.94 3.86
N VAL A 174 8.02 -7.05 3.00
CA VAL A 174 9.07 -6.12 3.42
C VAL A 174 8.66 -5.37 4.68
N ASP A 175 7.38 -5.18 4.91
CA ASP A 175 6.90 -4.47 6.10
C ASP A 175 7.24 -5.19 7.40
N VAL A 176 7.68 -6.45 7.34
CA VAL A 176 8.03 -7.18 8.55
C VAL A 176 9.22 -6.53 9.21
N TRP A 177 10.22 -6.13 8.39
CA TRP A 177 11.48 -5.63 8.90
C TRP A 177 11.74 -4.16 8.56
N TYR A 178 11.09 -3.61 7.53
CA TYR A 178 11.41 -2.25 7.13
C TYR A 178 10.82 -1.22 8.09
N ARG A 179 11.66 -0.27 8.50
CA ARG A 179 11.25 0.88 9.29
C ARG A 179 11.84 2.13 8.65
N LYS A 180 11.14 3.26 8.79
CA LYS A 180 11.63 4.52 8.25
C LYS A 180 12.86 4.96 9.03
N ILE A 181 13.81 5.57 8.34
CA ILE A 181 15.04 6.10 8.94
C ILE A 181 15.16 7.59 8.62
N GLU A 182 15.36 8.40 9.66
CA GLU A 182 15.34 9.85 9.53
C GLU A 182 16.04 10.35 8.26
N GLY A 183 17.33 10.08 8.10
CA GLY A 183 18.13 10.58 6.97
C GLY A 183 18.18 9.70 5.72
N GLN A 184 17.39 8.64 5.63
CA GLN A 184 17.40 7.73 4.47
C GLN A 184 17.01 8.52 3.21
N THR A 185 17.82 8.51 2.15
CA THR A 185 17.56 9.24 0.87
C THR A 185 16.65 8.43 -0.04
N GLY A 186 16.05 9.09 -1.03
CA GLY A 186 15.21 8.47 -2.06
C GLY A 186 16.05 7.55 -2.91
N GLU A 187 17.25 7.96 -3.31
CA GLU A 187 18.12 7.15 -4.19
C GLU A 187 18.49 5.86 -3.46
N GLU A 188 18.67 5.93 -2.16
CA GLU A 188 19.00 4.79 -1.29
C GLU A 188 17.79 3.86 -1.12
N ILE A 189 16.59 4.42 -1.13
CA ILE A 189 15.36 3.62 -0.95
C ILE A 189 15.19 2.86 -2.27
N ARG A 190 15.52 3.47 -3.39
CA ARG A 190 15.39 2.80 -4.69
C ARG A 190 16.41 1.65 -4.77
N GLU A 191 17.60 1.87 -4.21
CA GLU A 191 18.66 0.86 -4.23
C GLU A 191 18.19 -0.36 -3.44
N LEU A 192 17.66 -0.12 -2.25
CA LEU A 192 17.20 -1.19 -1.35
C LEU A 192 16.03 -1.92 -2.02
N ALA A 193 15.09 -1.18 -2.59
CA ALA A 193 13.94 -1.76 -3.30
C ALA A 193 14.45 -2.65 -4.43
N SER A 194 15.45 -2.16 -5.14
CA SER A 194 16.04 -2.86 -6.30
C SER A 194 16.72 -4.15 -5.81
N GLN A 195 17.38 -4.12 -4.67
CA GLN A 195 18.03 -5.31 -4.14
C GLN A 195 17.02 -6.38 -3.78
N VAL A 196 15.90 -5.97 -3.18
CA VAL A 196 14.87 -6.94 -2.84
C VAL A 196 14.23 -7.50 -4.10
N VAL A 197 13.87 -6.63 -5.03
CA VAL A 197 13.20 -7.11 -6.24
C VAL A 197 14.12 -8.02 -7.05
N ASP A 198 15.43 -7.79 -7.04
CA ASP A 198 16.34 -8.69 -7.71
C ASP A 198 16.19 -10.09 -7.15
N LEU A 200 13.45 -11.28 -5.47
CA LEU A 200 12.08 -11.79 -5.69
C LEU A 200 11.89 -12.30 -7.11
N ILE A 201 12.35 -11.55 -8.10
CA ILE A 201 12.13 -11.91 -9.50
C ILE A 201 13.25 -12.78 -10.01
N GLY A 202 14.50 -12.51 -9.63
CA GLY A 202 15.62 -13.24 -10.16
C GLY A 202 15.96 -14.49 -9.37
N GLY A 203 15.44 -14.59 -8.16
CA GLY A 203 15.66 -15.74 -7.31
C GLY A 203 16.96 -15.64 -6.53
N LEU A 204 17.13 -16.61 -5.65
CA LEU A 204 18.37 -16.72 -4.91
C LEU A 204 19.38 -17.63 -5.57
N ALA A 205 18.93 -18.62 -6.33
CA ALA A 205 19.85 -19.60 -6.90
C ALA A 205 20.74 -18.93 -7.93
#